data_6C8V
#
_entry.id   6C8V
#
_cell.length_a   97.570
_cell.length_b   97.570
_cell.length_c   86.417
_cell.angle_alpha   90.00
_cell.angle_beta   90.00
_cell.angle_gamma   120.00
#
_symmetry.space_group_name_H-M   'P 31 2 1'
#
loop_
_entity.id
_entity.type
_entity.pdbx_description
1 polymer 'Coenzyme PQQ synthesis protein E'
2 non-polymer 'FE2/S2 (INORGANIC) CLUSTER'
3 non-polymer 'IRON/SULFUR CLUSTER'
4 water water
#
_entity_poly.entity_id   1
_entity_poly.type   'polypeptide(L)'
_entity_poly.pdbx_seq_one_letter_code
;MGSSHHHHHHSSGLVPRGSHMDVIPAPVGLLAELTHRCPLRCPYCSNPLELDRRSAELDTQTWLRVLTEAAGLGVLHVHL
SGGEPTARPDIVEITAKCAELGLYSNLITSGVGGALAKLDALYDVGLDHVQLSVQGVDAANAEKIGGLKNAQPQKMQFAA
RVTELGLPLTLNSVIHRGNIHEVPGFIDLAVKLGAKRLEVAHTQYYGWAYVNRAALMPDKSQVDESIRIVEAARERLKGQ
LVIDLVVPDYYAKYPKACAGGWGRKLMNVTPQGKVLPCHAAETIPGLEFWYVTDHALGEIWTKSPAFAAYRGTSWMKEPC
RSCDRREKDWGGCRCQALALTGDAANTDPACSLSPLHAKMRDLAKEEAAETPPDYIYRSIGTNVQNPLSEKAPL
;
_entity_poly.pdbx_strand_id   A
#
# COMPACT_ATOMS: atom_id res chain seq x y z
N VAL A 23 19.42 -3.65 15.68
CA VAL A 23 19.73 -3.68 14.26
C VAL A 23 18.42 -3.85 13.47
N ILE A 24 17.41 -4.45 14.09
CA ILE A 24 16.09 -4.61 13.48
C ILE A 24 15.26 -3.37 13.81
N PRO A 25 14.77 -2.63 12.82
CA PRO A 25 13.97 -1.43 13.11
C PRO A 25 12.54 -1.76 13.49
N ALA A 26 11.91 -0.80 14.17
CA ALA A 26 10.53 -1.00 14.58
C ALA A 26 9.59 -0.77 13.39
N PRO A 27 8.47 -1.49 13.32
CA PRO A 27 7.53 -1.26 12.24
C PRO A 27 6.79 0.04 12.44
N VAL A 28 6.37 0.65 11.33
CA VAL A 28 5.62 1.88 11.37
C VAL A 28 4.19 1.73 10.86
N GLY A 29 3.95 0.83 9.90
CA GLY A 29 2.64 0.68 9.33
C GLY A 29 2.16 -0.76 9.36
N LEU A 30 0.84 -0.91 9.28
CA LEU A 30 0.21 -2.22 9.33
C LEU A 30 -0.97 -2.21 8.38
N LEU A 31 -0.96 -3.13 7.41
CA LEU A 31 -2.06 -3.28 6.46
C LEU A 31 -2.88 -4.48 6.90
N ALA A 32 -4.09 -4.22 7.39
CA ALA A 32 -4.96 -5.26 7.94
C ALA A 32 -6.02 -5.62 6.91
N GLU A 33 -5.79 -6.71 6.17
CA GLU A 33 -6.80 -7.24 5.26
C GLU A 33 -7.83 -8.02 6.07
N LEU A 34 -8.94 -7.37 6.41
CA LEU A 34 -9.89 -7.98 7.33
C LEU A 34 -10.74 -9.06 6.66
N THR A 35 -10.88 -9.02 5.34
CA THR A 35 -11.68 -10.00 4.62
C THR A 35 -11.35 -9.88 3.15
N HIS A 36 -11.89 -10.81 2.36
CA HIS A 36 -11.80 -10.73 0.91
C HIS A 36 -13.19 -10.65 0.27
N ARG A 37 -14.13 -10.00 0.94
CA ARG A 37 -15.53 -9.97 0.52
C ARG A 37 -15.85 -8.69 -0.23
N CYS A 38 -16.86 -8.79 -1.11
CA CYS A 38 -17.35 -7.64 -1.87
C CYS A 38 -18.84 -7.77 -2.18
N ARG A 54 -13.73 -17.20 3.11
CA ARG A 54 -15.09 -16.81 3.46
C ARG A 54 -15.34 -16.99 4.96
N SER A 55 -15.22 -18.25 5.39
CA SER A 55 -15.39 -18.62 6.79
C SER A 55 -14.07 -18.79 7.52
N ALA A 56 -12.95 -18.62 6.83
CA ALA A 56 -11.63 -18.81 7.40
C ALA A 56 -11.08 -17.53 8.05
N GLU A 57 -11.90 -16.50 8.17
CA GLU A 57 -11.41 -15.22 8.70
C GLU A 57 -11.21 -15.29 10.22
N LEU A 58 -10.33 -14.43 10.71
CA LEU A 58 -9.99 -14.40 12.12
C LEU A 58 -11.17 -13.91 12.96
N ASP A 59 -11.16 -14.31 14.23
CA ASP A 59 -12.16 -13.83 15.17
C ASP A 59 -11.86 -12.38 15.55
N THR A 60 -12.90 -11.69 16.01
CA THR A 60 -12.75 -10.31 16.47
C THR A 60 -11.63 -10.19 17.50
N GLN A 61 -11.58 -11.14 18.43
CA GLN A 61 -10.61 -11.04 19.52
C GLN A 61 -9.18 -11.12 19.02
N THR A 62 -8.94 -11.88 17.94
CA THR A 62 -7.59 -12.00 17.40
C THR A 62 -7.14 -10.72 16.74
N TRP A 63 -8.04 -10.04 16.02
CA TRP A 63 -7.67 -8.75 15.45
C TRP A 63 -7.40 -7.72 16.52
N LEU A 64 -8.23 -7.70 17.58
CA LEU A 64 -8.00 -6.76 18.67
C LEU A 64 -6.65 -7.01 19.33
N ARG A 65 -6.23 -8.27 19.40
CA ARG A 65 -4.91 -8.58 19.95
C ARG A 65 -3.81 -8.10 19.02
N VAL A 66 -3.95 -8.30 17.70
CA VAL A 66 -2.94 -7.86 16.76
C VAL A 66 -2.75 -6.34 16.84
N LEU A 67 -3.86 -5.60 16.90
CA LEU A 67 -3.76 -4.15 17.04
C LEU A 67 -3.02 -3.76 18.31
N THR A 68 -3.30 -4.47 19.40
CA THR A 68 -2.64 -4.16 20.67
C THR A 68 -1.15 -4.42 20.59
N GLU A 69 -0.77 -5.57 20.01
CA GLU A 69 0.65 -5.89 19.87
C GLU A 69 1.34 -4.97 18.89
N ALA A 70 0.62 -4.50 17.87
CA ALA A 70 1.22 -3.58 16.90
C ALA A 70 1.54 -2.24 17.54
N ALA A 71 0.61 -1.69 18.34
CA ALA A 71 0.91 -0.47 19.08
C ALA A 71 2.07 -0.66 20.03
N GLY A 72 2.18 -1.85 20.64
CA GLY A 72 3.27 -2.12 21.54
C GLY A 72 4.63 -2.15 20.86
N LEU A 73 4.65 -2.54 19.58
CA LEU A 73 5.89 -2.55 18.79
C LEU A 73 6.25 -1.17 18.24
N GLY A 74 5.30 -0.26 18.19
CA GLY A 74 5.52 1.08 17.70
C GLY A 74 4.82 1.44 16.41
N VAL A 75 3.85 0.63 15.96
CA VAL A 75 3.17 0.94 14.70
C VAL A 75 2.40 2.23 14.87
N LEU A 76 2.43 3.08 13.84
CA LEU A 76 1.71 4.34 13.86
C LEU A 76 0.39 4.28 13.08
N HIS A 77 0.42 3.77 11.85
CA HIS A 77 -0.74 3.77 10.97
C HIS A 77 -1.31 2.36 10.84
N VAL A 78 -2.63 2.26 10.77
CA VAL A 78 -3.33 1.01 10.57
C VAL A 78 -4.30 1.20 9.40
N HIS A 79 -4.10 0.43 8.33
CA HIS A 79 -4.93 0.52 7.14
C HIS A 79 -5.95 -0.60 7.20
N LEU A 80 -7.19 -0.27 7.53
CA LEU A 80 -8.27 -1.24 7.60
C LEU A 80 -8.79 -1.50 6.19
N SER A 81 -8.48 -2.66 5.62
CA SER A 81 -8.89 -2.94 4.24
C SER A 81 -9.14 -4.42 3.99
N GLY A 82 -8.66 -4.90 2.85
CA GLY A 82 -8.87 -6.28 2.45
C GLY A 82 -9.64 -6.37 1.16
N GLY A 83 -10.87 -6.89 1.23
CA GLY A 83 -11.77 -6.84 0.09
C GLY A 83 -12.74 -5.70 0.29
N GLU A 84 -13.48 -5.74 1.39
CA GLU A 84 -14.31 -4.63 1.84
C GLU A 84 -14.36 -4.68 3.37
N PRO A 85 -13.63 -3.79 4.05
CA PRO A 85 -13.56 -3.88 5.52
C PRO A 85 -14.87 -3.61 6.22
N THR A 86 -15.79 -2.86 5.62
CA THR A 86 -17.08 -2.62 6.25
C THR A 86 -17.97 -3.87 6.23
N ALA A 87 -17.65 -4.86 5.39
CA ALA A 87 -18.42 -6.09 5.39
C ALA A 87 -18.27 -6.87 6.68
N ARG A 88 -17.25 -6.57 7.47
CA ARG A 88 -17.10 -7.21 8.76
C ARG A 88 -18.16 -6.68 9.71
N PRO A 89 -18.86 -7.55 10.45
CA PRO A 89 -19.79 -7.03 11.47
C PRO A 89 -19.10 -6.36 12.63
N ASP A 90 -17.84 -6.69 12.88
CA ASP A 90 -17.08 -6.14 13.99
C ASP A 90 -16.19 -4.99 13.57
N ILE A 91 -16.48 -4.36 12.43
CA ILE A 91 -15.63 -3.29 11.91
C ILE A 91 -15.60 -2.10 12.86
N VAL A 92 -16.73 -1.82 13.52
CA VAL A 92 -16.77 -0.70 14.45
C VAL A 92 -15.94 -0.98 15.69
N GLU A 93 -16.07 -2.19 16.24
CA GLU A 93 -15.28 -2.54 17.41
C GLU A 93 -13.80 -2.53 17.09
N ILE A 94 -13.43 -3.00 15.90
CA ILE A 94 -12.01 -3.01 15.50
C ILE A 94 -11.51 -1.59 15.35
N THR A 95 -12.29 -0.73 14.71
CA THR A 95 -11.91 0.68 14.57
C THR A 95 -11.79 1.35 15.94
N ALA A 96 -12.67 0.99 16.87
CA ALA A 96 -12.61 1.58 18.21
C ALA A 96 -11.34 1.21 18.93
N LYS A 97 -10.83 0.00 18.69
CA LYS A 97 -9.58 -0.42 19.34
C LYS A 97 -8.40 0.38 18.82
N CYS A 98 -8.40 0.71 17.52
CA CYS A 98 -7.35 1.58 16.99
C CYS A 98 -7.36 2.93 17.68
N ALA A 99 -8.54 3.50 17.88
CA ALA A 99 -8.63 4.77 18.59
C ALA A 99 -8.23 4.60 20.05
N GLU A 100 -8.62 3.49 20.67
CA GLU A 100 -8.24 3.20 22.05
C GLU A 100 -6.73 3.11 22.21
N LEU A 101 -6.03 2.61 21.19
CA LEU A 101 -4.59 2.39 21.24
C LEU A 101 -3.80 3.56 20.65
N GLY A 102 -4.46 4.64 20.25
CA GLY A 102 -3.76 5.76 19.65
C GLY A 102 -3.17 5.46 18.29
N LEU A 103 -3.77 4.53 17.54
CA LEU A 103 -3.31 4.19 16.21
C LEU A 103 -4.07 5.00 15.18
N TYR A 104 -3.35 5.51 14.17
CA TYR A 104 -3.99 6.27 13.10
C TYR A 104 -4.68 5.29 12.16
N SER A 105 -6.01 5.30 12.18
CA SER A 105 -6.80 4.35 11.41
C SER A 105 -7.17 4.93 10.06
N ASN A 106 -6.93 4.16 9.00
CA ASN A 106 -7.27 4.54 7.63
C ASN A 106 -8.18 3.47 7.07
N LEU A 107 -9.40 3.87 6.71
CA LEU A 107 -10.38 2.94 6.16
C LEU A 107 -10.23 2.93 4.63
N ILE A 108 -9.59 1.89 4.11
CA ILE A 108 -9.45 1.71 2.66
C ILE A 108 -10.65 0.92 2.18
N THR A 109 -11.56 1.58 1.47
CA THR A 109 -12.82 0.96 1.11
C THR A 109 -13.25 1.41 -0.27
N SER A 110 -14.11 0.61 -0.89
CA SER A 110 -14.71 0.97 -2.17
C SER A 110 -15.90 1.91 -2.01
N GLY A 111 -16.46 2.01 -0.81
CA GLY A 111 -17.61 2.88 -0.59
C GLY A 111 -18.91 2.37 -1.17
N VAL A 112 -19.02 1.07 -1.41
CA VAL A 112 -20.19 0.50 -2.07
C VAL A 112 -20.94 -0.38 -1.08
N GLY A 113 -22.26 -0.39 -1.21
CA GLY A 113 -23.11 -1.27 -0.41
C GLY A 113 -23.31 -0.77 1.01
N GLY A 114 -23.01 -1.63 1.98
CA GLY A 114 -23.20 -1.27 3.36
C GLY A 114 -22.13 -0.39 3.95
N ALA A 115 -21.20 0.10 3.14
CA ALA A 115 -20.14 0.95 3.66
C ALA A 115 -20.69 2.26 4.19
N LEU A 116 -21.67 2.84 3.49
CA LEU A 116 -22.24 4.10 3.94
C LEU A 116 -23.05 3.93 5.22
N ALA A 117 -23.68 2.77 5.41
CA ALA A 117 -24.48 2.55 6.61
C ALA A 117 -23.61 2.54 7.86
N LYS A 118 -22.41 1.99 7.77
CA LYS A 118 -21.54 1.88 8.94
C LYS A 118 -20.64 3.08 9.13
N LEU A 119 -20.74 4.09 8.26
CA LEU A 119 -19.80 5.20 8.33
C LEU A 119 -20.01 6.03 9.59
N ASP A 120 -21.26 6.29 9.96
CA ASP A 120 -21.53 7.11 11.13
C ASP A 120 -21.00 6.47 12.40
N ALA A 121 -21.19 5.16 12.56
CA ALA A 121 -20.66 4.48 13.74
C ALA A 121 -19.14 4.49 13.76
N LEU A 122 -18.50 4.32 12.60
CA LEU A 122 -17.04 4.34 12.54
C LEU A 122 -16.50 5.72 12.88
N TYR A 123 -17.22 6.76 12.48
CA TYR A 123 -16.81 8.11 12.87
C TYR A 123 -16.93 8.30 14.38
N ASP A 124 -18.00 7.79 14.97
CA ASP A 124 -18.23 8.00 16.40
C ASP A 124 -17.15 7.36 17.26
N VAL A 125 -16.59 6.22 16.82
CA VAL A 125 -15.56 5.55 17.60
C VAL A 125 -14.16 6.10 17.35
N GLY A 126 -14.02 7.05 16.44
CA GLY A 126 -12.75 7.74 16.26
C GLY A 126 -11.94 7.33 15.04
N LEU A 127 -12.62 7.02 13.94
CA LEU A 127 -11.93 6.72 12.70
C LEU A 127 -11.19 7.96 12.21
N ASP A 128 -9.89 7.83 11.97
CA ASP A 128 -9.08 9.02 11.70
C ASP A 128 -9.17 9.43 10.23
N HIS A 129 -9.22 8.47 9.31
CA HIS A 129 -9.04 8.79 7.91
C HIS A 129 -9.80 7.78 7.05
N VAL A 130 -10.16 8.21 5.84
CA VAL A 130 -10.89 7.40 4.87
C VAL A 130 -10.19 7.52 3.52
N GLN A 131 -9.98 6.37 2.87
CA GLN A 131 -9.35 6.33 1.55
C GLN A 131 -10.27 5.61 0.59
N LEU A 132 -10.84 6.35 -0.36
CA LEU A 132 -11.81 5.82 -1.30
C LEU A 132 -11.11 5.56 -2.64
N SER A 133 -11.16 4.31 -3.10
CA SER A 133 -10.56 3.94 -4.38
C SER A 133 -11.54 4.30 -5.48
N VAL A 134 -11.29 5.42 -6.16
CA VAL A 134 -12.17 5.91 -7.20
C VAL A 134 -11.54 5.60 -8.55
N GLN A 135 -11.70 4.37 -9.02
CA GLN A 135 -11.15 3.95 -10.30
C GLN A 135 -12.28 4.11 -11.33
N GLY A 136 -12.24 5.20 -12.08
CA GLY A 136 -13.24 5.46 -13.10
C GLY A 136 -12.90 6.62 -14.03
N ALA A 151 -23.60 2.17 -10.42
CA ALA A 151 -22.20 1.81 -10.33
C ALA A 151 -21.44 2.73 -9.36
N GLN A 152 -20.94 3.86 -9.89
CA GLN A 152 -20.19 4.84 -9.11
C GLN A 152 -21.04 5.93 -8.46
N PRO A 153 -22.32 6.13 -8.80
CA PRO A 153 -23.15 7.06 -8.01
C PRO A 153 -23.06 6.86 -6.51
N GLN A 154 -23.14 5.63 -6.02
CA GLN A 154 -23.09 5.41 -4.58
C GLN A 154 -21.70 5.60 -3.99
N LYS A 155 -20.65 5.62 -4.81
CA LYS A 155 -19.36 6.08 -4.31
C LYS A 155 -19.42 7.57 -3.97
N MET A 156 -20.14 8.35 -4.76
CA MET A 156 -20.25 9.78 -4.52
C MET A 156 -21.03 10.06 -3.23
N GLN A 157 -22.09 9.30 -2.98
CA GLN A 157 -22.87 9.48 -1.76
C GLN A 157 -22.04 9.15 -0.54
N PHE A 158 -21.22 8.10 -0.63
CA PHE A 158 -20.30 7.80 0.46
C PHE A 158 -19.26 8.90 0.64
N ALA A 159 -18.70 9.38 -0.47
CA ALA A 159 -17.68 10.42 -0.39
C ALA A 159 -18.25 11.71 0.18
N ALA A 160 -19.45 12.09 -0.27
CA ALA A 160 -20.07 13.32 0.24
C ALA A 160 -20.33 13.21 1.74
N ARG A 161 -20.70 12.03 2.22
CA ARG A 161 -20.97 11.86 3.64
C ARG A 161 -19.68 11.89 4.46
N VAL A 162 -18.57 11.42 3.88
CA VAL A 162 -17.29 11.45 4.60
C VAL A 162 -16.88 12.88 4.88
N THR A 163 -16.89 13.73 3.85
CA THR A 163 -16.56 15.14 4.06
C THR A 163 -17.63 15.84 4.89
N GLU A 164 -18.89 15.39 4.81
CA GLU A 164 -19.94 16.01 5.59
C GLU A 164 -19.72 15.81 7.08
N LEU A 165 -19.16 14.65 7.46
CA LEU A 165 -18.80 14.40 8.85
C LEU A 165 -17.51 15.11 9.26
N GLY A 166 -16.77 15.66 8.30
CA GLY A 166 -15.51 16.31 8.59
C GLY A 166 -14.29 15.40 8.55
N LEU A 167 -14.43 14.18 8.06
CA LEU A 167 -13.29 13.27 7.99
C LEU A 167 -12.40 13.63 6.80
N PRO A 168 -11.08 13.46 6.92
CA PRO A 168 -10.21 13.68 5.76
C PRO A 168 -10.36 12.56 4.74
N LEU A 169 -10.64 12.93 3.50
CA LEU A 169 -10.87 11.98 2.42
C LEU A 169 -9.67 11.95 1.49
N THR A 170 -9.36 10.77 0.98
CA THR A 170 -8.28 10.59 0.00
C THR A 170 -8.79 9.71 -1.11
N LEU A 171 -8.91 10.27 -2.31
CA LEU A 171 -9.23 9.48 -3.49
C LEU A 171 -7.98 8.75 -3.96
N ASN A 172 -8.12 7.45 -4.19
CA ASN A 172 -7.03 6.62 -4.69
C ASN A 172 -7.41 6.09 -6.07
N SER A 173 -6.43 6.01 -6.96
CA SER A 173 -6.69 5.50 -8.30
C SER A 173 -5.41 4.92 -8.87
N VAL A 174 -5.55 3.84 -9.63
CA VAL A 174 -4.44 3.17 -10.27
C VAL A 174 -4.41 3.58 -11.74
N ILE A 175 -3.26 4.04 -12.21
CA ILE A 175 -3.13 4.51 -13.58
C ILE A 175 -2.19 3.60 -14.35
N HIS A 176 -2.50 3.43 -15.63
CA HIS A 176 -1.68 2.64 -16.54
C HIS A 176 -1.72 3.29 -17.91
N ARG A 177 -1.08 2.64 -18.88
CA ARG A 177 -0.95 3.20 -20.22
C ARG A 177 -2.30 3.57 -20.83
N GLY A 178 -3.35 2.82 -20.47
CA GLY A 178 -4.65 3.09 -21.04
C GLY A 178 -5.35 4.30 -20.45
N ASN A 179 -5.37 4.41 -19.12
CA ASN A 179 -6.19 5.40 -18.45
C ASN A 179 -5.38 6.53 -17.83
N ILE A 180 -4.13 6.72 -18.26
CA ILE A 180 -3.34 7.81 -17.70
C ILE A 180 -3.79 9.15 -18.24
N HIS A 181 -4.52 9.17 -19.35
CA HIS A 181 -5.12 10.40 -19.83
C HIS A 181 -6.26 10.87 -18.95
N GLU A 182 -6.72 10.04 -18.00
CA GLU A 182 -7.81 10.37 -17.11
C GLU A 182 -7.35 11.14 -15.88
N VAL A 183 -6.06 11.49 -15.80
CA VAL A 183 -5.57 12.21 -14.62
C VAL A 183 -6.29 13.55 -14.43
N PRO A 184 -6.50 14.38 -15.47
CA PRO A 184 -7.29 15.60 -15.23
C PRO A 184 -8.69 15.34 -14.70
N GLY A 185 -9.33 14.25 -15.12
CA GLY A 185 -10.63 13.92 -14.57
C GLY A 185 -10.59 13.55 -13.11
N PHE A 186 -9.51 12.87 -12.68
CA PHE A 186 -9.37 12.53 -11.28
C PHE A 186 -9.11 13.77 -10.43
N ILE A 187 -8.40 14.76 -10.99
CA ILE A 187 -8.10 15.97 -10.24
C ILE A 187 -9.39 16.77 -10.01
N ASP A 188 -10.22 16.87 -11.04
CA ASP A 188 -11.49 17.59 -10.89
C ASP A 188 -12.41 16.88 -9.90
N LEU A 189 -12.41 15.55 -9.90
CA LEU A 189 -13.26 14.80 -8.99
C LEU A 189 -12.84 15.03 -7.53
N ALA A 190 -11.53 15.02 -7.27
CA ALA A 190 -11.05 15.22 -5.90
C ALA A 190 -11.44 16.59 -5.38
N VAL A 191 -11.36 17.62 -6.24
CA VAL A 191 -11.76 18.96 -5.85
C VAL A 191 -13.28 19.03 -5.70
N LYS A 192 -14.00 18.38 -6.60
CA LYS A 192 -15.45 18.37 -6.53
C LYS A 192 -15.94 17.75 -5.23
N LEU A 193 -15.41 16.59 -4.87
CA LEU A 193 -15.81 15.92 -3.65
C LEU A 193 -15.25 16.58 -2.40
N GLY A 194 -14.31 17.51 -2.53
CA GLY A 194 -13.70 18.12 -1.37
C GLY A 194 -12.72 17.23 -0.64
N ALA A 195 -12.05 16.33 -1.35
CA ALA A 195 -11.02 15.50 -0.75
C ALA A 195 -9.80 16.35 -0.42
N LYS A 196 -9.04 15.93 0.61
CA LYS A 196 -7.82 16.63 0.96
C LYS A 196 -6.60 16.14 0.20
N ARG A 197 -6.63 14.92 -0.31
CA ARG A 197 -5.49 14.31 -0.97
C ARG A 197 -5.97 13.50 -2.16
N LEU A 198 -5.07 13.33 -3.14
CA LEU A 198 -5.36 12.52 -4.33
C LEU A 198 -4.12 11.69 -4.65
N GLU A 199 -4.28 10.37 -4.70
CA GLU A 199 -3.19 9.46 -5.03
C GLU A 199 -3.40 8.91 -6.43
N VAL A 200 -2.35 8.95 -7.25
CA VAL A 200 -2.35 8.32 -8.57
C VAL A 200 -1.05 7.56 -8.71
N ALA A 201 -1.14 6.25 -8.90
CA ALA A 201 0.05 5.41 -8.88
C ALA A 201 -0.05 4.33 -9.95
N HIS A 202 1.07 4.09 -10.63
CA HIS A 202 1.15 2.98 -11.58
C HIS A 202 1.31 1.65 -10.86
N THR A 203 1.79 1.66 -9.62
CA THR A 203 1.94 0.43 -8.86
C THR A 203 0.57 -0.10 -8.44
N GLN A 204 0.54 -1.39 -8.12
CA GLN A 204 -0.71 -2.03 -7.70
C GLN A 204 -1.20 -1.47 -6.37
N TYR A 205 -0.38 -1.59 -5.33
CA TYR A 205 -0.73 -1.12 -3.99
C TYR A 205 0.22 0.01 -3.61
N TYR A 206 -0.35 1.15 -3.23
CA TYR A 206 0.45 2.31 -2.87
C TYR A 206 1.40 1.98 -1.73
N GLY A 207 2.67 2.33 -1.90
CA GLY A 207 3.69 2.03 -0.91
C GLY A 207 4.71 1.02 -1.41
N TRP A 208 4.22 -0.05 -2.04
CA TRP A 208 5.06 -1.10 -2.60
C TRP A 208 5.18 -0.93 -4.11
N ALA A 209 6.35 -1.28 -4.64
CA ALA A 209 6.65 -1.09 -6.06
C ALA A 209 6.47 -2.42 -6.79
N TYR A 210 5.23 -2.72 -7.15
CA TYR A 210 4.89 -3.92 -7.88
C TYR A 210 3.73 -3.64 -8.83
N VAL A 211 3.79 -4.23 -10.02
CA VAL A 211 2.77 -4.01 -11.04
C VAL A 211 2.14 -5.33 -11.44
N ASN A 212 0.95 -5.25 -12.03
CA ASN A 212 0.26 -6.46 -12.46
C ASN A 212 0.87 -7.01 -13.74
N ARG A 213 1.28 -6.12 -14.64
CA ARG A 213 1.92 -6.53 -15.88
C ARG A 213 2.90 -5.44 -16.30
N ALA A 214 3.84 -5.84 -17.17
CA ALA A 214 4.85 -4.90 -17.66
C ALA A 214 4.33 -4.09 -18.85
N ALA A 215 3.56 -4.71 -19.73
CA ALA A 215 3.06 -4.01 -20.91
C ALA A 215 2.00 -2.96 -20.55
N LEU A 216 1.39 -3.08 -19.37
CA LEU A 216 0.35 -2.13 -18.97
C LEU A 216 0.93 -0.78 -18.57
N MET A 217 2.21 -0.72 -18.24
CA MET A 217 2.82 0.51 -17.74
C MET A 217 2.74 1.63 -18.78
N PRO A 218 2.77 2.89 -18.35
CA PRO A 218 2.64 4.01 -19.29
C PRO A 218 3.95 4.31 -20.03
N ASP A 219 3.80 5.07 -21.10
CA ASP A 219 4.94 5.51 -21.91
C ASP A 219 5.80 6.50 -21.12
N LYS A 220 7.05 6.64 -21.57
CA LYS A 220 7.88 7.73 -21.09
C LYS A 220 7.27 9.07 -21.48
N SER A 221 6.63 9.14 -22.66
CA SER A 221 5.97 10.37 -23.07
C SER A 221 4.77 10.68 -22.19
N GLN A 222 4.04 9.64 -21.77
CA GLN A 222 2.87 9.86 -20.92
C GLN A 222 3.27 10.28 -19.51
N VAL A 223 4.37 9.72 -19.00
CA VAL A 223 4.87 10.13 -17.69
C VAL A 223 5.30 11.60 -17.72
N ASP A 224 6.11 11.96 -18.73
CA ASP A 224 6.51 13.36 -18.88
C ASP A 224 5.31 14.26 -19.03
N GLU A 225 4.20 13.77 -19.62
CA GLU A 225 2.99 14.57 -19.72
C GLU A 225 2.27 14.67 -18.39
N SER A 226 2.20 13.57 -17.64
CA SER A 226 1.50 13.56 -16.37
C SER A 226 2.22 14.36 -15.29
N ILE A 227 3.51 14.67 -15.50
CA ILE A 227 4.20 15.56 -14.57
C ILE A 227 3.72 16.98 -14.74
N ARG A 228 3.63 17.45 -15.99
CA ARG A 228 3.16 18.82 -16.24
C ARG A 228 1.74 19.02 -15.74
N ILE A 229 0.89 18.00 -15.88
CA ILE A 229 -0.49 18.12 -15.43
C ILE A 229 -0.55 18.21 -13.91
N VAL A 230 0.17 17.32 -13.23
CA VAL A 230 0.12 17.27 -11.78
C VAL A 230 0.81 18.48 -11.17
N GLU A 231 1.94 18.90 -11.74
CA GLU A 231 2.67 20.03 -11.17
C GLU A 231 1.90 21.33 -11.37
N ALA A 232 1.22 21.49 -12.51
CA ALA A 232 0.41 22.67 -12.71
C ALA A 232 -0.79 22.67 -11.78
N ALA A 233 -1.38 21.51 -11.54
CA ALA A 233 -2.51 21.42 -10.62
C ALA A 233 -2.08 21.56 -9.17
N ARG A 234 -0.85 21.16 -8.83
CA ARG A 234 -0.35 21.36 -7.47
C ARG A 234 -0.29 22.85 -7.13
N GLU A 235 0.30 23.65 -8.02
CA GLU A 235 0.36 25.09 -7.79
C GLU A 235 -1.03 25.72 -7.85
N ARG A 236 -1.90 25.18 -8.71
CA ARG A 236 -3.24 25.74 -8.86
C ARG A 236 -4.08 25.54 -7.60
N LEU A 237 -3.81 24.48 -6.84
CA LEU A 237 -4.63 24.07 -5.71
C LEU A 237 -3.76 23.83 -4.48
N LYS A 238 -2.86 24.78 -4.19
CA LYS A 238 -1.88 24.56 -3.13
C LYS A 238 -2.57 24.22 -1.80
N GLY A 239 -3.48 25.09 -1.35
CA GLY A 239 -4.14 24.87 -0.08
C GLY A 239 -5.34 23.93 -0.15
N GLN A 240 -5.93 23.76 -1.33
CA GLN A 240 -7.19 23.03 -1.44
C GLN A 240 -6.97 21.53 -1.51
N LEU A 241 -6.10 21.08 -2.40
CA LEU A 241 -5.89 19.66 -2.64
C LEU A 241 -4.41 19.35 -2.62
N VAL A 242 -4.07 18.14 -2.16
CA VAL A 242 -2.71 17.62 -2.21
C VAL A 242 -2.71 16.48 -3.22
N ILE A 243 -1.80 16.54 -4.19
CA ILE A 243 -1.75 15.55 -5.26
C ILE A 243 -0.46 14.76 -5.14
N ASP A 244 -0.58 13.43 -5.23
CA ASP A 244 0.54 12.52 -5.00
C ASP A 244 0.65 11.61 -6.22
N LEU A 245 1.71 11.79 -7.00
CA LEU A 245 1.92 11.04 -8.23
C LEU A 245 3.03 10.01 -8.04
N VAL A 246 2.78 8.79 -8.51
CA VAL A 246 3.76 7.71 -8.53
C VAL A 246 3.80 7.13 -9.93
N VAL A 247 4.93 7.26 -10.61
CA VAL A 247 5.06 6.86 -12.02
C VAL A 247 6.44 6.25 -12.23
N PRO A 248 6.62 5.50 -13.32
CA PRO A 248 7.94 4.93 -13.60
C PRO A 248 8.97 6.03 -13.87
N ASP A 249 10.10 5.96 -13.17
CA ASP A 249 11.19 6.91 -13.34
C ASP A 249 12.08 6.42 -14.48
N TYR A 250 11.91 7.00 -15.65
CA TYR A 250 12.68 6.57 -16.81
C TYR A 250 14.07 7.18 -16.85
N TYR A 251 14.35 8.18 -16.02
CA TYR A 251 15.65 8.83 -15.99
C TYR A 251 16.53 8.34 -14.83
N ALA A 252 15.96 7.63 -13.86
CA ALA A 252 16.73 7.22 -12.69
C ALA A 252 17.75 6.14 -13.06
N LYS A 253 18.96 6.31 -12.52
CA LYS A 253 20.00 5.29 -12.64
C LYS A 253 19.89 4.21 -11.58
N TYR A 254 19.36 4.54 -10.40
CA TYR A 254 19.28 3.60 -9.28
C TYR A 254 17.86 3.58 -8.75
N PRO A 255 17.43 2.45 -8.18
CA PRO A 255 16.04 2.31 -7.77
C PRO A 255 15.78 2.88 -6.38
N LYS A 256 14.51 2.87 -6.00
CA LYS A 256 14.05 3.32 -4.70
C LYS A 256 13.84 2.12 -3.79
N ALA A 257 14.01 2.34 -2.49
CA ALA A 257 13.67 1.29 -1.52
C ALA A 257 12.17 1.04 -1.56
N CYS A 258 11.78 -0.21 -1.80
CA CYS A 258 10.37 -0.54 -1.77
C CYS A 258 9.86 -0.53 -0.33
N ALA A 259 8.90 0.35 -0.04
CA ALA A 259 8.35 0.49 1.32
C ALA A 259 9.46 0.66 2.34
N GLY A 260 10.54 1.33 1.96
CA GLY A 260 11.64 1.55 2.87
C GLY A 260 12.51 0.34 3.12
N GLY A 261 12.32 -0.73 2.37
CA GLY A 261 13.14 -1.91 2.57
C GLY A 261 12.34 -3.07 3.12
N TRP A 262 12.70 -4.27 2.67
CA TRP A 262 12.01 -5.49 3.11
C TRP A 262 12.11 -5.64 4.62
N GLY A 263 10.97 -5.84 5.27
CA GLY A 263 10.95 -6.03 6.71
C GLY A 263 11.47 -4.84 7.48
N ARG A 264 11.26 -3.64 6.96
CA ARG A 264 11.82 -2.44 7.54
C ARG A 264 10.77 -1.42 7.98
N LYS A 265 9.52 -1.56 7.54
CA LYS A 265 8.49 -0.57 7.88
C LYS A 265 7.09 -1.16 8.04
N LEU A 266 6.63 -1.91 7.04
CA LEU A 266 5.23 -2.30 6.94
C LEU A 266 5.04 -3.78 7.20
N MET A 267 3.82 -4.12 7.62
CA MET A 267 3.36 -5.50 7.75
C MET A 267 2.02 -5.63 7.07
N ASN A 268 1.84 -6.70 6.29
CA ASN A 268 0.56 -7.05 5.71
C ASN A 268 0.04 -8.29 6.40
N VAL A 269 -1.19 -8.24 6.91
CA VAL A 269 -1.81 -9.37 7.60
C VAL A 269 -3.03 -9.80 6.81
N THR A 270 -3.00 -11.02 6.27
CA THR A 270 -4.08 -11.54 5.45
C THR A 270 -5.29 -11.86 6.32
N PRO A 271 -6.47 -12.06 5.71
CA PRO A 271 -7.64 -12.41 6.52
C PRO A 271 -7.46 -13.66 7.38
N GLN A 272 -6.64 -14.61 6.95
CA GLN A 272 -6.41 -15.82 7.75
C GLN A 272 -5.36 -15.62 8.83
N GLY A 273 -4.71 -14.45 8.89
CA GLY A 273 -3.71 -14.19 9.90
C GLY A 273 -2.28 -14.36 9.44
N LYS A 274 -2.06 -14.67 8.16
CA LYS A 274 -0.71 -14.78 7.63
C LYS A 274 -0.09 -13.41 7.47
N VAL A 275 1.14 -13.24 7.97
CA VAL A 275 1.82 -11.95 8.01
C VAL A 275 2.88 -11.92 6.91
N LEU A 276 2.75 -10.98 5.98
CA LEU A 276 3.66 -10.79 4.86
C LEU A 276 4.49 -9.53 5.03
N PRO A 277 5.73 -9.52 4.55
CA PRO A 277 6.50 -8.26 4.50
C PRO A 277 5.97 -7.28 3.47
N CYS A 278 5.10 -7.71 2.57
CA CYS A 278 4.47 -6.84 1.57
C CYS A 278 3.33 -7.60 0.94
N HIS A 279 2.50 -6.88 0.18
CA HIS A 279 1.29 -7.49 -0.36
C HIS A 279 1.61 -8.61 -1.34
N ALA A 280 2.65 -8.44 -2.15
CA ALA A 280 2.99 -9.40 -3.18
C ALA A 280 4.01 -10.44 -2.73
N ALA A 281 4.25 -10.57 -1.42
CA ALA A 281 5.30 -11.46 -0.95
C ALA A 281 4.97 -12.93 -1.23
N GLU A 282 3.69 -13.28 -1.31
CA GLU A 282 3.30 -14.65 -1.62
C GLU A 282 3.69 -15.07 -3.03
N THR A 283 4.16 -14.13 -3.86
CA THR A 283 4.71 -14.49 -5.17
C THR A 283 6.01 -15.26 -5.03
N ILE A 284 6.78 -14.97 -4.00
CA ILE A 284 8.12 -15.55 -3.86
C ILE A 284 7.99 -16.94 -3.26
N PRO A 285 8.59 -17.96 -3.87
CA PRO A 285 8.53 -19.31 -3.31
C PRO A 285 9.55 -19.51 -2.20
N GLY A 286 9.35 -20.57 -1.43
CA GLY A 286 10.31 -20.93 -0.41
C GLY A 286 10.33 -20.03 0.80
N LEU A 287 9.28 -19.24 1.01
CA LEU A 287 9.20 -18.34 2.15
C LEU A 287 8.29 -18.93 3.22
N GLU A 288 8.75 -18.90 4.46
CA GLU A 288 7.99 -19.41 5.59
C GLU A 288 7.30 -18.24 6.27
N PHE A 289 6.02 -18.04 5.94
CA PHE A 289 5.22 -17.02 6.57
C PHE A 289 4.66 -17.55 7.89
N TRP A 290 4.62 -16.69 8.90
CA TRP A 290 4.08 -17.05 10.20
C TRP A 290 2.70 -16.40 10.39
N TYR A 291 1.86 -17.07 11.16
CA TYR A 291 0.51 -16.60 11.45
C TYR A 291 0.45 -15.97 12.83
N VAL A 292 -0.45 -14.99 12.99
CA VAL A 292 -0.62 -14.38 14.31
C VAL A 292 -1.32 -15.32 15.26
N THR A 293 -1.98 -16.35 14.74
CA THR A 293 -2.62 -17.34 15.60
C THR A 293 -1.63 -18.23 16.32
N ASP A 294 -0.38 -18.26 15.87
CA ASP A 294 0.63 -19.15 16.44
C ASP A 294 1.80 -18.41 17.08
N HIS A 295 1.89 -17.10 16.89
CA HIS A 295 2.99 -16.31 17.42
C HIS A 295 2.48 -14.93 17.79
N ALA A 296 3.20 -14.27 18.69
CA ALA A 296 2.94 -12.86 18.92
C ALA A 296 3.52 -12.05 17.77
N LEU A 297 2.92 -10.88 17.53
CA LEU A 297 3.30 -10.09 16.37
C LEU A 297 4.78 -9.70 16.41
N GLY A 298 5.31 -9.48 17.61
CA GLY A 298 6.72 -9.11 17.73
C GLY A 298 7.65 -10.24 17.34
N GLU A 299 7.26 -11.48 17.62
CA GLU A 299 8.09 -12.61 17.22
C GLU A 299 8.05 -12.82 15.72
N ILE A 300 6.90 -12.55 15.10
CA ILE A 300 6.80 -12.63 13.65
C ILE A 300 7.67 -11.55 13.00
N TRP A 301 7.63 -10.34 13.53
CA TRP A 301 8.40 -9.25 12.94
C TRP A 301 9.89 -9.51 13.02
N THR A 302 10.35 -10.16 14.08
CA THR A 302 11.77 -10.30 14.32
C THR A 302 12.34 -11.65 13.90
N LYS A 303 11.56 -12.73 13.96
CA LYS A 303 12.11 -14.06 13.80
C LYS A 303 11.48 -14.89 12.69
N SER A 304 10.39 -14.46 12.09
CA SER A 304 9.77 -15.26 11.04
C SER A 304 10.70 -15.30 9.84
N PRO A 305 10.94 -16.48 9.25
CA PRO A 305 11.91 -16.54 8.15
C PRO A 305 11.54 -15.71 6.95
N ALA A 306 10.24 -15.44 6.76
CA ALA A 306 9.83 -14.63 5.61
C ALA A 306 10.29 -13.19 5.76
N PHE A 307 10.22 -12.65 6.97
CA PHE A 307 10.70 -11.29 7.19
C PHE A 307 12.22 -11.24 7.19
N ALA A 308 12.88 -12.24 7.76
CA ALA A 308 14.33 -12.25 7.82
C ALA A 308 14.97 -12.53 6.46
N ALA A 309 14.24 -13.14 5.53
CA ALA A 309 14.83 -13.66 4.30
C ALA A 309 15.55 -12.57 3.51
N TYR A 310 14.87 -11.45 3.26
CA TYR A 310 15.45 -10.37 2.47
C TYR A 310 15.62 -9.10 3.30
N ARG A 311 15.73 -9.24 4.61
CA ARG A 311 16.03 -8.12 5.49
C ARG A 311 17.54 -7.98 5.65
N GLY A 312 18.04 -6.75 5.58
CA GLY A 312 19.46 -6.52 5.69
C GLY A 312 20.17 -6.67 4.36
N THR A 313 21.45 -7.02 4.38
CA THR A 313 22.23 -7.11 3.15
C THR A 313 22.89 -8.46 2.92
N SER A 314 22.81 -9.39 3.89
CA SER A 314 23.52 -10.67 3.76
C SER A 314 22.95 -11.55 2.66
N TRP A 315 21.71 -11.32 2.26
CA TRP A 315 21.06 -12.12 1.23
C TRP A 315 21.48 -11.73 -0.19
N MET A 316 22.22 -10.64 -0.34
CA MET A 316 22.34 -9.98 -1.63
C MET A 316 23.33 -10.69 -2.56
N LYS A 317 22.98 -10.72 -3.83
CA LYS A 317 23.89 -11.08 -4.90
C LYS A 317 24.57 -9.82 -5.44
N GLU A 318 25.54 -10.01 -6.32
CA GLU A 318 26.15 -8.90 -7.04
C GLU A 318 25.13 -8.38 -8.06
N PRO A 319 25.19 -7.08 -8.38
CA PRO A 319 26.13 -6.06 -7.89
C PRO A 319 25.77 -5.44 -6.54
N CYS A 320 24.63 -5.79 -5.95
CA CYS A 320 24.22 -5.15 -4.71
C CYS A 320 25.18 -5.46 -3.57
N ARG A 321 25.74 -6.67 -3.57
CA ARG A 321 26.56 -7.11 -2.44
C ARG A 321 27.82 -6.25 -2.29
N SER A 322 28.33 -5.72 -3.39
CA SER A 322 29.54 -4.89 -3.40
C SER A 322 29.22 -3.46 -3.81
N CYS A 323 28.13 -2.91 -3.31
CA CYS A 323 27.63 -1.61 -3.76
C CYS A 323 27.52 -0.61 -2.60
N ASP A 324 27.74 0.66 -2.94
CA ASP A 324 27.64 1.72 -1.95
C ASP A 324 26.20 1.89 -1.46
N ARG A 325 25.24 1.78 -2.37
CA ARG A 325 23.85 2.11 -2.07
C ARG A 325 23.07 0.91 -1.53
N ARG A 326 23.76 -0.15 -1.10
CA ARG A 326 23.05 -1.37 -0.70
C ARG A 326 22.19 -1.15 0.54
N GLU A 327 22.58 -0.22 1.42
CA GLU A 327 21.83 0.07 2.62
C GLU A 327 21.00 1.35 2.49
N LYS A 328 20.77 1.82 1.27
CA LYS A 328 19.92 2.97 1.04
C LYS A 328 18.63 2.60 0.32
N ASP A 329 18.72 1.80 -0.74
CA ASP A 329 17.54 1.30 -1.41
C ASP A 329 17.31 -0.19 -1.19
N TRP A 330 18.27 -0.88 -0.58
CA TRP A 330 18.11 -2.27 -0.16
C TRP A 330 17.87 -3.20 -1.35
N GLY A 331 18.52 -2.90 -2.47
CA GLY A 331 18.42 -3.73 -3.65
C GLY A 331 17.17 -3.53 -4.46
N GLY A 332 16.30 -2.60 -4.07
CA GLY A 332 15.08 -2.37 -4.79
C GLY A 332 13.96 -3.27 -4.34
N CYS A 333 13.14 -3.71 -5.29
CA CYS A 333 11.95 -4.49 -4.97
C CYS A 333 12.23 -5.96 -5.22
N ARG A 334 11.91 -6.80 -4.22
CA ARG A 334 12.14 -8.23 -4.36
C ARG A 334 11.18 -8.84 -5.37
N CYS A 335 9.92 -8.41 -5.35
CA CYS A 335 8.90 -9.05 -6.17
C CYS A 335 9.09 -8.72 -7.64
N GLN A 336 9.52 -7.49 -7.95
CA GLN A 336 9.88 -7.15 -9.32
C GLN A 336 11.04 -8.00 -9.80
N ALA A 337 12.06 -8.16 -8.96
CA ALA A 337 13.20 -9.00 -9.33
C ALA A 337 12.73 -10.40 -9.68
N LEU A 338 11.90 -11.00 -8.83
CA LEU A 338 11.38 -12.33 -9.12
C LEU A 338 10.54 -12.32 -10.39
N ALA A 339 9.61 -11.36 -10.50
CA ALA A 339 8.68 -11.35 -11.61
C ALA A 339 9.38 -11.07 -12.93
N LEU A 340 10.52 -10.39 -12.92
CA LEU A 340 11.19 -10.02 -14.15
C LEU A 340 12.49 -10.77 -14.41
N THR A 341 13.13 -11.34 -13.38
CA THR A 341 14.34 -12.11 -13.60
C THR A 341 14.21 -13.59 -13.27
N GLY A 342 13.25 -13.97 -12.43
CA GLY A 342 13.05 -15.35 -12.02
C GLY A 342 13.57 -15.67 -10.64
N ASP A 343 14.48 -14.84 -10.11
CA ASP A 343 15.02 -15.02 -8.77
C ASP A 343 14.77 -13.75 -7.97
N ALA A 344 14.10 -13.88 -6.83
CA ALA A 344 13.79 -12.70 -6.01
C ALA A 344 15.03 -12.10 -5.37
N ALA A 345 16.11 -12.86 -5.24
CA ALA A 345 17.34 -12.35 -4.63
C ALA A 345 18.21 -11.58 -5.62
N ASN A 346 17.79 -11.48 -6.87
CA ASN A 346 18.52 -10.73 -7.87
C ASN A 346 18.37 -9.23 -7.64
N THR A 347 19.21 -8.47 -8.35
CA THR A 347 19.07 -7.02 -8.35
C THR A 347 17.80 -6.64 -9.09
N ASP A 348 17.10 -5.65 -8.55
CA ASP A 348 15.93 -5.09 -9.23
C ASP A 348 16.34 -4.61 -10.61
N PRO A 349 15.70 -5.10 -11.68
CA PRO A 349 16.07 -4.64 -13.03
C PRO A 349 15.84 -3.15 -13.24
N ALA A 350 15.03 -2.51 -12.39
CA ALA A 350 14.89 -1.05 -12.48
C ALA A 350 16.21 -0.35 -12.30
N CYS A 351 17.16 -0.99 -11.62
CA CYS A 351 18.48 -0.40 -11.46
C CYS A 351 19.27 -0.50 -12.76
N SER A 352 20.07 0.52 -13.04
CA SER A 352 20.89 0.51 -14.24
C SER A 352 22.06 -0.47 -14.15
N LEU A 353 22.47 -0.84 -12.94
CA LEU A 353 23.56 -1.80 -12.76
C LEU A 353 23.12 -3.25 -12.91
N SER A 354 21.83 -3.51 -13.06
CA SER A 354 21.37 -4.87 -13.30
C SER A 354 21.73 -5.27 -14.73
N PRO A 355 22.27 -6.48 -14.94
CA PRO A 355 22.58 -6.90 -16.31
C PRO A 355 21.34 -7.06 -17.18
N LEU A 356 20.19 -7.36 -16.58
CA LEU A 356 18.95 -7.49 -17.30
C LEU A 356 18.20 -6.16 -17.44
N HIS A 357 18.85 -5.04 -17.12
CA HIS A 357 18.24 -3.74 -17.35
C HIS A 357 18.16 -3.41 -18.83
N ALA A 358 19.09 -3.94 -19.64
CA ALA A 358 19.05 -3.66 -21.07
C ALA A 358 17.86 -4.33 -21.73
N LYS A 359 17.50 -5.54 -21.28
CA LYS A 359 16.34 -6.22 -21.86
C LYS A 359 15.03 -5.60 -21.37
N MET A 360 14.95 -5.26 -20.08
CA MET A 360 13.70 -4.69 -19.54
C MET A 360 13.42 -3.32 -20.14
N ARG A 361 14.47 -2.54 -20.42
CA ARG A 361 14.26 -1.22 -21.02
C ARG A 361 13.71 -1.32 -22.44
N ASP A 362 14.13 -2.35 -23.18
CA ASP A 362 13.64 -2.53 -24.54
C ASP A 362 12.19 -2.98 -24.56
N LEU A 363 11.76 -3.73 -23.55
CA LEU A 363 10.38 -4.19 -23.46
C LEU A 363 9.43 -3.03 -23.22
#